data_8CZX
#
_entry.id   8CZX
#
_cell.length_a   54.857
_cell.length_b   98.497
_cell.length_c   58.682
_cell.angle_alpha   90.000
_cell.angle_beta   107.650
_cell.angle_gamma   90.000
#
_symmetry.space_group_name_H-M   'P 1 21 1'
#
loop_
_entity.id
_entity.type
_entity.pdbx_description
1 polymer '3C-like proteinase'
2 non-polymer '[(1~{S},2~{R})-2-[4,4-bis(fluoranyl)cyclohexyl]cyclopropyl]methyl ~{N}-[(2~{S})-1-[[(1~{S},2~{S})-1-[bis(oxidanyl)-oxidanylidene-$l^{5}-sulfanyl]-1-oxidanyl-3-[(3~{S})-2-oxidanylidenepyrrolidin-3-yl]propan-2-yl]amino]-4-methyl-1-oxidanylidene-pentan-2-yl]carbamate'
3 non-polymer '[(1~{S},2~{R})-2-[4,4-bis(fluoranyl)cyclohexyl]cyclopropyl]methyl ~{N}-[(2~{S})-1-[[(1~{R},2~{S})-1-[bis(oxidanyl)-oxidanylidene-$l^{5}-sulfanyl]-1-oxidanyl-3-[(3~{S})-2-oxidanylidenepyrrolidin-3-yl]propan-2-yl]amino]-4-methyl-1-oxidanylidene-pentan-2-yl]carbamate'
4 non-polymer 'TETRAETHYLENE GLYCOL'
5 water water
#
_entity_poly.entity_id   1
_entity_poly.type   'polypeptide(L)'
_entity_poly.pdbx_seq_one_letter_code
;SNIGSGFRKMAFPSGKVEGCMVQVTCGTTTLNGLWLDDVVYCPRHVICTSEDMLNPNYEDLLIRKSNHNFLVQAGNVQLR
VIGHSMQNCVLKLKVDTANPKTPKYKFVRIQPGQTFSVLACYNGSPSGVYQCAMRPNFTIKGSFLNGSCGSVGFNIDYDC
VSFCYMHHMELPTGVHAGTDLEGNFYGPFVDRQTAQAAGTDTTITVNVLAWLYAAVINGDRWFLNRFTTTLNDFNLVAMK
YNYEPLTQDHVDILGPLSAQTGIAVLDMCASLKELLQNGMNGRTILGSALLEDEFTPFDVVRQCSGVTF
;
_entity_poly.pdbx_strand_id   A,B
#
# COMPACT_ATOMS: atom_id res chain seq x y z
N GLY A 6 12.87 9.36 -0.07
CA GLY A 6 12.05 8.73 0.95
C GLY A 6 12.00 7.22 0.76
N PHE A 7 11.33 6.52 1.68
CA PHE A 7 11.27 5.08 1.62
C PHE A 7 9.94 4.56 2.14
N ARG A 8 9.25 3.77 1.33
CA ARG A 8 7.88 3.40 1.63
C ARG A 8 7.62 1.96 1.22
N LYS A 9 6.75 1.30 1.98
CA LYS A 9 6.31 -0.05 1.60
C LYS A 9 5.36 0.09 0.42
N MET A 10 5.77 -0.47 -0.70
CA MET A 10 5.18 -0.18 -2.00
C MET A 10 4.72 -1.48 -2.65
N ALA A 11 3.48 -1.50 -3.09
CA ALA A 11 2.96 -2.63 -3.83
C ALA A 11 3.12 -2.39 -5.34
N PHE A 12 3.17 -3.47 -6.09
CA PHE A 12 3.14 -3.34 -7.54
C PHE A 12 1.80 -2.75 -7.99
N PRO A 13 1.79 -1.98 -9.08
CA PRO A 13 0.52 -1.57 -9.66
C PRO A 13 -0.31 -2.79 -10.00
N SER A 14 -1.57 -2.76 -9.59
CA SER A 14 -2.41 -3.96 -9.60
C SER A 14 -3.31 -4.07 -10.83
N GLY A 15 -3.25 -3.11 -11.76
CA GLY A 15 -4.20 -3.12 -12.88
C GLY A 15 -4.21 -4.41 -13.66
N LYS A 16 -3.03 -4.96 -13.94
CA LYS A 16 -2.98 -6.19 -14.73
C LYS A 16 -3.69 -7.34 -14.03
N VAL A 17 -3.74 -7.33 -12.69
CA VAL A 17 -4.42 -8.38 -11.94
C VAL A 17 -5.91 -8.07 -11.80
N GLU A 18 -6.27 -6.80 -11.61
CA GLU A 18 -7.68 -6.44 -11.50
C GLU A 18 -8.47 -6.93 -12.70
N GLY A 19 -7.86 -6.88 -13.88
CA GLY A 19 -8.55 -7.30 -15.08
C GLY A 19 -8.84 -8.77 -15.14
N CYS A 20 -8.34 -9.54 -14.17
CA CYS A 20 -8.55 -10.98 -14.12
C CYS A 20 -9.48 -11.43 -13.00
N MET A 21 -9.95 -10.53 -12.15
CA MET A 21 -10.69 -10.98 -10.98
C MET A 21 -12.15 -11.16 -11.34
N VAL A 22 -12.72 -12.30 -10.92
CA VAL A 22 -14.12 -12.59 -11.15
C VAL A 22 -14.73 -13.13 -9.86
N GLN A 23 -16.06 -13.26 -9.86
CA GLN A 23 -16.80 -13.80 -8.74
C GLN A 23 -17.20 -15.23 -9.06
N VAL A 24 -17.03 -16.13 -8.08
CA VAL A 24 -17.38 -17.54 -8.22
C VAL A 24 -18.34 -17.91 -7.10
N THR A 25 -19.48 -18.50 -7.46
CA THR A 25 -20.47 -18.87 -6.47
C THR A 25 -20.85 -20.32 -6.66
N CYS A 26 -20.91 -21.04 -5.56
CA CYS A 26 -21.38 -22.43 -5.54
C CYS A 26 -22.23 -22.57 -4.30
N GLY A 27 -23.52 -22.84 -4.48
CA GLY A 27 -24.40 -22.89 -3.34
C GLY A 27 -24.55 -21.51 -2.74
N THR A 28 -24.39 -21.43 -1.41
CA THR A 28 -24.42 -20.18 -0.69
C THR A 28 -23.03 -19.64 -0.41
N THR A 29 -22.03 -20.13 -1.13
CA THR A 29 -20.64 -19.71 -0.93
C THR A 29 -20.19 -18.91 -2.14
N THR A 30 -19.75 -17.68 -1.89
CA THR A 30 -19.25 -16.80 -2.94
C THR A 30 -17.84 -16.38 -2.56
N LEU A 31 -16.91 -16.50 -3.50
CA LEU A 31 -15.58 -15.96 -3.29
C LEU A 31 -15.02 -15.54 -4.64
N ASN A 32 -13.73 -15.25 -4.68
CA ASN A 32 -13.11 -14.68 -5.87
C ASN A 32 -12.41 -15.75 -6.70
N GLY A 33 -12.37 -15.53 -8.01
CA GLY A 33 -11.53 -16.34 -8.87
C GLY A 33 -10.64 -15.48 -9.77
N LEU A 34 -9.62 -16.15 -10.30
CA LEU A 34 -8.61 -15.57 -11.17
C LEU A 34 -8.82 -16.14 -12.57
N TRP A 35 -9.20 -15.28 -13.51
CA TRP A 35 -9.62 -15.65 -14.86
C TRP A 35 -8.47 -15.35 -15.82
N LEU A 36 -7.78 -16.40 -16.26
CA LEU A 36 -6.65 -16.28 -17.17
C LEU A 36 -6.95 -17.12 -18.40
N ASP A 37 -6.79 -16.50 -19.58
CA ASP A 37 -7.18 -17.14 -20.83
C ASP A 37 -8.60 -17.64 -20.65
N ASP A 38 -8.86 -18.95 -20.82
CA ASP A 38 -10.22 -19.45 -20.65
C ASP A 38 -10.38 -20.33 -19.40
N VAL A 39 -9.61 -20.06 -18.35
CA VAL A 39 -9.71 -20.85 -17.12
C VAL A 39 -9.86 -19.88 -15.96
N VAL A 40 -10.72 -20.24 -15.00
CA VAL A 40 -10.89 -19.52 -13.75
C VAL A 40 -10.36 -20.39 -12.62
N TYR A 41 -9.42 -19.85 -11.85
CA TYR A 41 -8.82 -20.52 -10.70
C TYR A 41 -9.42 -19.98 -9.41
N CYS A 42 -9.75 -20.86 -8.48
CA CYS A 42 -10.28 -20.38 -7.20
C CYS A 42 -10.08 -21.45 -6.16
N PRO A 43 -10.25 -21.10 -4.89
CA PRO A 43 -10.12 -22.09 -3.82
C PRO A 43 -11.19 -23.15 -3.91
N ARG A 44 -10.77 -24.39 -3.74
CA ARG A 44 -11.73 -25.48 -3.88
C ARG A 44 -12.75 -25.51 -2.74
N HIS A 45 -12.47 -24.88 -1.59
CA HIS A 45 -13.45 -24.96 -0.52
C HIS A 45 -14.74 -24.21 -0.85
N VAL A 46 -14.83 -23.56 -2.01
CA VAL A 46 -16.10 -22.97 -2.42
C VAL A 46 -17.17 -24.04 -2.55
N ILE A 47 -16.78 -25.28 -2.80
CA ILE A 47 -17.79 -26.34 -3.02
C ILE A 47 -18.32 -26.92 -1.73
N CYS A 48 -17.83 -26.44 -0.58
CA CYS A 48 -18.24 -26.95 0.72
C CYS A 48 -19.50 -26.25 1.22
N THR A 49 -20.28 -27.00 2.00
CA THR A 49 -21.32 -26.42 2.85
C THR A 49 -20.77 -26.31 4.27
N SER A 50 -21.54 -25.69 5.15
CA SER A 50 -21.09 -25.56 6.53
C SER A 50 -20.90 -26.92 7.17
N GLU A 51 -21.62 -27.94 6.70
CA GLU A 51 -21.43 -29.30 7.23
C GLU A 51 -20.19 -29.97 6.65
N ASP A 52 -19.77 -29.57 5.44
CA ASP A 52 -18.63 -30.20 4.80
C ASP A 52 -17.29 -29.70 5.34
N MET A 53 -17.26 -28.45 5.82
CA MET A 53 -16.00 -27.76 6.06
C MET A 53 -15.11 -28.42 7.10
N LEU A 54 -15.68 -29.24 8.00
CA LEU A 54 -14.90 -29.75 9.13
C LEU A 54 -13.97 -30.88 8.72
N ASN A 55 -14.40 -31.74 7.79
CA ASN A 55 -13.56 -32.83 7.26
C ASN A 55 -14.02 -33.11 5.84
N PRO A 56 -13.74 -32.20 4.92
CA PRO A 56 -14.27 -32.30 3.56
C PRO A 56 -13.51 -33.34 2.73
N ASN A 57 -14.23 -34.30 2.18
CA ASN A 57 -13.62 -35.22 1.22
C ASN A 57 -13.78 -34.59 -0.15
N TYR A 58 -12.79 -33.79 -0.54
CA TYR A 58 -12.96 -32.92 -1.69
C TYR A 58 -13.17 -33.69 -2.99
N GLU A 59 -12.45 -34.79 -3.21
CA GLU A 59 -12.68 -35.59 -4.41
C GLU A 59 -14.11 -36.09 -4.46
N ASP A 60 -14.61 -36.53 -3.32
CA ASP A 60 -15.99 -36.97 -3.21
C ASP A 60 -16.96 -35.82 -3.47
N LEU A 61 -16.74 -34.68 -2.82
CA LEU A 61 -17.63 -33.54 -3.01
C LEU A 61 -17.61 -33.04 -4.44
N LEU A 62 -16.45 -33.12 -5.11
CA LEU A 62 -16.32 -32.54 -6.44
C LEU A 62 -17.00 -33.39 -7.51
N ILE A 63 -16.91 -34.71 -7.40
CA ILE A 63 -17.52 -35.57 -8.43
C ILE A 63 -19.03 -35.41 -8.41
N ARG A 64 -19.60 -34.99 -7.30
CA ARG A 64 -21.03 -34.80 -7.18
C ARG A 64 -21.50 -33.45 -7.69
N LYS A 65 -20.59 -32.64 -8.23
CA LYS A 65 -20.91 -31.33 -8.77
C LYS A 65 -21.01 -31.36 -10.29
N SER A 66 -21.88 -30.52 -10.82
CA SER A 66 -22.00 -30.29 -12.25
C SER A 66 -21.42 -28.93 -12.59
N ASN A 67 -21.02 -28.77 -13.86
CA ASN A 67 -20.57 -27.46 -14.33
C ASN A 67 -21.57 -26.37 -13.98
N HIS A 68 -22.87 -26.69 -14.04
CA HIS A 68 -23.89 -25.66 -13.84
C HIS A 68 -24.10 -25.32 -12.37
N ASN A 69 -23.50 -26.05 -11.45
CA ASN A 69 -23.52 -25.66 -10.05
C ASN A 69 -22.56 -24.52 -9.75
N PHE A 70 -21.76 -24.11 -10.74
CA PHE A 70 -20.79 -23.02 -10.57
C PHE A 70 -21.30 -21.80 -11.32
N LEU A 71 -21.44 -20.69 -10.61
CA LEU A 71 -21.84 -19.42 -11.21
C LEU A 71 -20.61 -18.52 -11.18
N VAL A 72 -20.12 -18.18 -12.36
CA VAL A 72 -18.99 -17.27 -12.52
C VAL A 72 -19.52 -15.97 -13.12
N GLN A 73 -19.19 -14.85 -12.49
CA GLN A 73 -19.60 -13.54 -12.98
C GLN A 73 -18.37 -12.65 -13.11
N ALA A 74 -18.24 -12.03 -14.28
CA ALA A 74 -17.23 -11.00 -14.55
C ALA A 74 -18.00 -9.70 -14.69
N GLY A 75 -18.06 -8.93 -13.62
CA GLY A 75 -18.91 -7.76 -13.62
C GLY A 75 -20.35 -8.17 -13.83
N ASN A 76 -20.99 -7.57 -14.84
CA ASN A 76 -22.39 -7.81 -15.12
C ASN A 76 -22.65 -9.09 -15.91
N VAL A 77 -21.61 -9.80 -16.31
CA VAL A 77 -21.73 -10.88 -17.28
C VAL A 77 -21.46 -12.21 -16.60
N GLN A 78 -22.34 -13.18 -16.83
CA GLN A 78 -22.09 -14.54 -16.40
C GLN A 78 -21.24 -15.24 -17.46
N LEU A 79 -20.28 -16.04 -17.00
CA LEU A 79 -19.48 -16.87 -17.89
C LEU A 79 -19.95 -18.31 -17.78
N ARG A 80 -20.02 -19.00 -18.91
CA ARG A 80 -20.48 -20.37 -18.95
C ARG A 80 -19.34 -21.32 -18.60
N VAL A 81 -19.50 -22.10 -17.54
CA VAL A 81 -18.52 -23.11 -17.15
C VAL A 81 -18.75 -24.35 -18.01
N ILE A 82 -17.74 -24.71 -18.81
CA ILE A 82 -17.83 -25.84 -19.73
C ILE A 82 -16.91 -26.99 -19.30
N GLY A 83 -16.44 -26.97 -18.07
CA GLY A 83 -15.57 -28.02 -17.60
C GLY A 83 -14.99 -27.62 -16.25
N HIS A 84 -14.62 -28.60 -15.43
CA HIS A 84 -14.00 -28.28 -14.14
C HIS A 84 -13.03 -29.40 -13.77
N SER A 85 -11.95 -29.01 -13.10
CA SER A 85 -11.03 -29.97 -12.52
C SER A 85 -10.47 -29.35 -11.25
N MET A 86 -9.71 -30.16 -10.53
CA MET A 86 -9.12 -29.77 -9.25
C MET A 86 -7.63 -30.11 -9.30
N GLN A 87 -6.79 -29.14 -8.94
CA GLN A 87 -5.37 -29.35 -8.79
C GLN A 87 -5.01 -28.99 -7.35
N ASN A 88 -4.74 -30.00 -6.54
CA ASN A 88 -4.49 -29.80 -5.11
C ASN A 88 -5.64 -28.98 -4.53
N CYS A 89 -5.38 -27.85 -3.88
CA CYS A 89 -6.47 -27.11 -3.22
C CYS A 89 -7.11 -26.06 -4.12
N VAL A 90 -6.80 -26.04 -5.42
CA VAL A 90 -7.31 -25.07 -6.37
C VAL A 90 -8.27 -25.76 -7.32
N LEU A 91 -9.43 -25.16 -7.48
CA LEU A 91 -10.42 -25.58 -8.47
C LEU A 91 -10.20 -24.79 -9.76
N LYS A 92 -10.24 -25.50 -10.88
CA LYS A 92 -10.02 -24.91 -12.18
C LYS A 92 -11.32 -25.04 -12.96
N LEU A 93 -11.91 -23.91 -13.33
CA LEU A 93 -13.19 -23.86 -14.06
C LEU A 93 -12.90 -23.40 -15.49
N LYS A 94 -13.13 -24.28 -16.47
CA LYS A 94 -12.98 -23.86 -17.85
C LYS A 94 -14.26 -23.17 -18.31
N VAL A 95 -14.09 -22.04 -18.99
CA VAL A 95 -15.22 -21.23 -19.45
C VAL A 95 -15.11 -21.05 -20.96
N ASP A 96 -16.23 -20.67 -21.59
CA ASP A 96 -16.27 -20.60 -23.04
C ASP A 96 -15.64 -19.32 -23.59
N THR A 97 -15.52 -18.28 -22.79
CA THR A 97 -14.93 -17.02 -23.22
C THR A 97 -13.52 -16.88 -22.66
N ALA A 98 -12.61 -16.39 -23.49
CA ALA A 98 -11.26 -16.09 -23.03
C ALA A 98 -11.18 -14.65 -22.57
N ASN A 99 -10.30 -14.40 -21.60
CA ASN A 99 -10.18 -13.07 -21.02
C ASN A 99 -9.25 -12.23 -21.86
N PRO A 100 -9.75 -11.21 -22.57
CA PRO A 100 -8.84 -10.35 -23.35
C PRO A 100 -7.86 -9.59 -22.49
N LYS A 101 -8.18 -9.38 -21.22
CA LYS A 101 -7.31 -8.62 -20.33
C LYS A 101 -6.25 -9.50 -19.68
N THR A 102 -6.17 -10.77 -20.07
CA THR A 102 -5.14 -11.67 -19.56
C THR A 102 -3.75 -11.10 -19.80
N PRO A 103 -2.95 -10.86 -18.77
CA PRO A 103 -1.59 -10.40 -18.97
C PRO A 103 -0.66 -11.57 -19.32
N LYS A 104 0.54 -11.22 -19.76
CA LYS A 104 1.63 -12.21 -19.73
C LYS A 104 1.85 -12.64 -18.29
N TYR A 105 1.93 -13.94 -18.05
CA TYR A 105 1.98 -14.39 -16.67
C TYR A 105 2.68 -15.74 -16.55
N LYS A 106 3.10 -16.03 -15.32
CA LYS A 106 3.55 -17.36 -14.94
C LYS A 106 3.10 -17.63 -13.51
N PHE A 107 3.13 -18.89 -13.13
CA PHE A 107 2.87 -19.32 -11.76
C PHE A 107 4.20 -19.66 -11.11
N VAL A 108 4.50 -19.03 -9.98
CA VAL A 108 5.73 -19.32 -9.27
C VAL A 108 5.40 -19.68 -7.83
N ARG A 109 6.30 -20.44 -7.21
CA ARG A 109 6.24 -20.70 -5.78
C ARG A 109 7.33 -19.88 -5.13
N ILE A 110 6.97 -18.97 -4.24
CA ILE A 110 7.96 -18.08 -3.65
C ILE A 110 8.59 -18.74 -2.44
N GLN A 111 9.77 -18.27 -2.09
CA GLN A 111 10.52 -18.75 -0.96
C GLN A 111 10.23 -17.90 0.26
N PRO A 112 10.29 -18.47 1.46
CA PRO A 112 10.11 -17.65 2.66
C PRO A 112 11.13 -16.51 2.66
N GLY A 113 10.67 -15.35 3.12
CA GLY A 113 11.45 -14.15 3.06
C GLY A 113 11.21 -13.27 1.85
N GLN A 114 10.75 -13.86 0.74
CA GLN A 114 10.40 -13.07 -0.43
C GLN A 114 9.10 -12.31 -0.19
N THR A 115 8.94 -11.22 -0.92
CA THR A 115 7.78 -10.37 -0.77
C THR A 115 6.94 -10.45 -2.04
N PHE A 116 5.69 -10.05 -1.89
CA PHE A 116 4.78 -10.00 -3.01
C PHE A 116 3.66 -9.04 -2.66
N SER A 117 2.94 -8.63 -3.69
CA SER A 117 1.79 -7.75 -3.54
C SER A 117 0.52 -8.58 -3.48
N VAL A 118 -0.40 -8.17 -2.60
CA VAL A 118 -1.69 -8.81 -2.47
C VAL A 118 -2.76 -7.86 -3.00
N LEU A 119 -3.62 -8.36 -3.89
CA LEU A 119 -4.80 -7.63 -4.30
C LEU A 119 -5.98 -8.26 -3.58
N ALA A 120 -6.44 -7.60 -2.54
CA ALA A 120 -7.56 -8.11 -1.76
C ALA A 120 -8.86 -7.76 -2.48
N CYS A 121 -9.71 -8.77 -2.66
CA CYS A 121 -10.94 -8.65 -3.43
C CYS A 121 -12.10 -9.25 -2.63
N TYR A 122 -13.29 -8.73 -2.89
CA TYR A 122 -14.53 -9.24 -2.30
C TYR A 122 -15.58 -9.27 -3.41
N ASN A 123 -16.29 -10.40 -3.52
CA ASN A 123 -17.29 -10.57 -4.58
C ASN A 123 -16.73 -10.23 -5.95
N GLY A 124 -15.51 -10.68 -6.21
CA GLY A 124 -14.88 -10.46 -7.49
C GLY A 124 -14.40 -9.05 -7.75
N SER A 125 -14.57 -8.14 -6.79
CA SER A 125 -14.18 -6.74 -6.97
C SER A 125 -12.92 -6.40 -6.20
N PRO A 126 -11.90 -5.86 -6.86
CA PRO A 126 -10.69 -5.41 -6.15
C PRO A 126 -11.02 -4.35 -5.10
N SER A 127 -10.46 -4.51 -3.89
CA SER A 127 -10.72 -3.59 -2.79
C SER A 127 -9.47 -2.90 -2.27
N GLY A 128 -8.33 -3.59 -2.21
CA GLY A 128 -7.11 -2.96 -1.72
C GLY A 128 -5.87 -3.70 -2.18
N VAL A 129 -4.74 -3.02 -2.11
CA VAL A 129 -3.49 -3.65 -2.50
C VAL A 129 -2.43 -3.32 -1.48
N TYR A 130 -1.61 -4.31 -1.15
CA TYR A 130 -0.58 -4.10 -0.16
C TYR A 130 0.50 -5.16 -0.32
N GLN A 131 1.64 -4.89 0.30
CA GLN A 131 2.82 -5.74 0.24
C GLN A 131 2.85 -6.67 1.45
N CYS A 132 3.14 -7.94 1.20
CA CYS A 132 3.29 -8.98 2.21
C CYS A 132 4.62 -9.68 1.98
N ALA A 133 5.13 -10.31 3.03
CA ALA A 133 6.23 -11.25 2.88
C ALA A 133 5.73 -12.64 3.22
N MET A 134 6.28 -13.64 2.54
CA MET A 134 6.08 -15.01 2.98
C MET A 134 6.89 -15.22 4.26
N ARG A 135 6.23 -15.40 5.40
CA ARG A 135 6.93 -15.58 6.68
C ARG A 135 7.78 -16.86 6.65
N PRO A 136 8.83 -16.91 7.47
CA PRO A 136 9.58 -18.17 7.60
C PRO A 136 8.73 -19.36 8.00
N ASN A 137 7.67 -19.16 8.79
CA ASN A 137 6.75 -20.21 9.17
C ASN A 137 5.60 -20.35 8.18
N PHE A 138 5.71 -19.71 7.02
CA PHE A 138 4.83 -19.88 5.87
C PHE A 138 3.42 -19.35 6.10
N THR A 139 3.25 -18.47 7.08
CA THR A 139 2.07 -17.62 7.15
C THR A 139 2.36 -16.28 6.44
N ILE A 140 1.32 -15.48 6.25
CA ILE A 140 1.49 -14.09 5.84
C ILE A 140 0.66 -13.21 6.77
N LYS A 141 1.18 -12.03 7.05
CA LYS A 141 0.50 -11.08 7.91
C LYS A 141 -0.29 -10.17 6.97
N GLY A 142 -1.48 -10.62 6.64
CA GLY A 142 -2.31 -9.94 5.68
C GLY A 142 -3.46 -9.21 6.35
N SER A 143 -4.32 -8.68 5.49
CA SER A 143 -5.57 -8.04 5.88
C SER A 143 -6.60 -8.70 4.96
N PHE A 144 -7.32 -9.65 5.51
CA PHE A 144 -8.25 -10.46 4.75
C PHE A 144 -9.48 -10.66 5.63
N LEU A 145 -10.64 -10.35 5.08
CA LEU A 145 -11.90 -10.53 5.79
C LEU A 145 -12.70 -11.66 5.16
N ASN A 146 -13.87 -11.94 5.74
CA ASN A 146 -14.79 -12.86 5.09
C ASN A 146 -14.99 -12.46 3.62
N GLY A 147 -14.98 -13.47 2.75
CA GLY A 147 -15.17 -13.25 1.33
C GLY A 147 -13.91 -12.95 0.55
N SER A 148 -12.76 -12.87 1.22
CA SER A 148 -11.51 -12.55 0.53
C SER A 148 -10.86 -13.73 -0.15
N CYS A 149 -11.32 -14.96 0.10
CA CYS A 149 -10.67 -16.12 -0.49
C CYS A 149 -10.65 -16.01 -2.00
N GLY A 150 -9.56 -16.49 -2.60
CA GLY A 150 -9.34 -16.34 -4.01
C GLY A 150 -8.60 -15.07 -4.39
N SER A 151 -8.49 -14.11 -3.48
CA SER A 151 -7.55 -13.02 -3.69
C SER A 151 -6.15 -13.60 -3.92
N VAL A 152 -5.35 -12.91 -4.76
CA VAL A 152 -4.06 -13.48 -5.15
C VAL A 152 -2.93 -12.53 -4.78
N GLY A 153 -1.75 -13.11 -4.66
CA GLY A 153 -0.51 -12.37 -4.49
C GLY A 153 0.37 -12.53 -5.72
N PHE A 154 1.19 -11.51 -5.98
CA PHE A 154 1.91 -11.49 -7.25
C PHE A 154 3.07 -10.54 -7.18
N ASN A 155 3.98 -10.73 -8.13
CA ASN A 155 5.02 -9.77 -8.45
C ASN A 155 4.95 -9.49 -9.95
N ILE A 156 5.55 -8.38 -10.35
CA ILE A 156 5.60 -8.01 -11.76
C ILE A 156 7.06 -7.74 -12.13
N ASP A 157 7.55 -8.47 -13.13
CA ASP A 157 8.90 -8.28 -13.66
C ASP A 157 8.74 -7.97 -15.14
N TYR A 158 9.07 -6.73 -15.53
CA TYR A 158 8.83 -6.29 -16.90
C TYR A 158 7.32 -6.20 -17.12
N ASP A 159 6.79 -6.88 -18.13
CA ASP A 159 5.35 -6.95 -18.34
C ASP A 159 4.75 -8.27 -17.86
N CYS A 160 5.52 -9.08 -17.12
CA CYS A 160 5.10 -10.42 -16.74
C CYS A 160 4.65 -10.43 -15.27
N VAL A 161 3.44 -10.91 -15.05
CA VAL A 161 2.90 -11.09 -13.70
C VAL A 161 3.20 -12.51 -13.26
N SER A 162 3.96 -12.64 -12.17
CA SER A 162 4.22 -13.93 -11.54
C SER A 162 3.26 -14.07 -10.36
N PHE A 163 2.28 -14.96 -10.51
CA PHE A 163 1.34 -15.25 -9.43
C PHE A 163 1.97 -16.25 -8.48
N CYS A 164 1.98 -15.92 -7.20
CA CYS A 164 2.62 -16.79 -6.21
C CYS A 164 1.71 -17.19 -5.07
N TYR A 165 0.52 -16.60 -4.94
CA TYR A 165 -0.30 -16.82 -3.75
C TYR A 165 -1.77 -16.71 -4.09
N MET A 166 -2.57 -17.63 -3.56
CA MET A 166 -4.02 -17.51 -3.52
C MET A 166 -4.47 -17.72 -2.09
N HIS A 167 -5.43 -16.91 -1.66
CA HIS A 167 -5.78 -16.85 -0.25
C HIS A 167 -6.87 -17.86 0.11
N HIS A 168 -6.67 -18.58 1.23
CA HIS A 168 -7.62 -19.59 1.69
C HIS A 168 -8.13 -19.44 3.12
N MET A 169 -7.36 -18.90 4.07
CA MET A 169 -7.83 -18.96 5.44
C MET A 169 -7.08 -18.02 6.37
N GLU A 170 -7.70 -17.83 7.54
CA GLU A 170 -7.12 -17.09 8.64
C GLU A 170 -6.88 -18.06 9.80
N LEU A 171 -5.79 -17.88 10.48
CA LEU A 171 -5.51 -18.65 11.68
C LEU A 171 -6.00 -17.91 12.90
N PRO A 172 -6.17 -18.60 14.02
CA PRO A 172 -6.67 -17.93 15.24
C PRO A 172 -5.80 -16.79 15.73
N THR A 173 -4.51 -16.78 15.41
CA THR A 173 -3.64 -15.67 15.78
C THR A 173 -3.83 -14.44 14.92
N GLY A 174 -4.66 -14.52 13.88
CA GLY A 174 -4.92 -13.39 13.02
C GLY A 174 -4.05 -13.33 11.79
N VAL A 175 -3.12 -14.27 11.61
CA VAL A 175 -2.31 -14.31 10.40
C VAL A 175 -3.04 -15.20 9.40
N HIS A 176 -2.48 -15.37 8.21
CA HIS A 176 -3.20 -15.92 7.07
C HIS A 176 -2.40 -17.01 6.38
N ALA A 177 -3.12 -17.89 5.68
CA ALA A 177 -2.51 -19.02 5.03
C ALA A 177 -3.20 -19.28 3.69
N GLY A 178 -2.41 -19.79 2.76
CA GLY A 178 -2.90 -20.03 1.42
C GLY A 178 -1.93 -20.87 0.62
N THR A 179 -2.21 -20.92 -0.69
CA THR A 179 -1.53 -21.81 -1.61
C THR A 179 -0.83 -21.03 -2.71
N ASP A 180 0.04 -21.74 -3.42
CA ASP A 180 0.49 -21.24 -4.70
C ASP A 180 -0.61 -21.53 -5.74
N LEU A 181 -0.36 -21.18 -6.97
CA LEU A 181 -1.41 -21.32 -7.98
C LEU A 181 -1.49 -22.73 -8.53
N GLU A 182 -0.64 -23.64 -8.06
CA GLU A 182 -0.85 -25.07 -8.25
C GLU A 182 -1.68 -25.68 -7.14
N GLY A 183 -2.12 -24.88 -6.17
CA GLY A 183 -2.98 -25.39 -5.13
C GLY A 183 -2.27 -26.02 -3.94
N ASN A 184 -0.95 -25.92 -3.86
CA ASN A 184 -0.21 -26.45 -2.72
C ASN A 184 -0.06 -25.36 -1.67
N PHE A 185 -0.49 -25.68 -0.44
CA PHE A 185 -0.33 -24.74 0.66
C PHE A 185 1.13 -24.39 0.86
N TYR A 186 1.35 -23.14 1.24
CA TYR A 186 2.54 -22.76 1.97
C TYR A 186 2.33 -23.16 3.43
N GLY A 187 3.24 -23.94 3.97
CA GLY A 187 3.15 -24.35 5.35
C GLY A 187 2.31 -25.58 5.59
N PRO A 188 2.18 -25.93 6.86
CA PRO A 188 1.52 -27.19 7.25
C PRO A 188 0.02 -27.07 7.41
N PHE A 189 -0.63 -26.23 6.62
CA PHE A 189 -2.03 -25.92 6.82
C PHE A 189 -2.88 -26.72 5.86
N VAL A 190 -4.16 -26.78 6.18
CA VAL A 190 -5.13 -27.61 5.46
C VAL A 190 -6.41 -26.80 5.30
N ASP A 191 -7.05 -26.95 4.14
CA ASP A 191 -8.30 -26.24 3.87
C ASP A 191 -9.48 -27.02 4.47
N ARG A 192 -9.49 -27.04 5.80
CA ARG A 192 -10.64 -27.50 6.58
C ARG A 192 -10.90 -26.49 7.69
N GLN A 193 -12.16 -26.44 8.16
CA GLN A 193 -12.61 -25.44 9.12
C GLN A 193 -12.21 -25.89 10.51
N THR A 194 -10.91 -25.73 10.82
CA THR A 194 -10.36 -26.06 12.12
C THR A 194 -9.38 -24.98 12.55
N ALA A 195 -9.22 -24.85 13.87
CA ALA A 195 -8.23 -23.91 14.41
C ALA A 195 -6.85 -24.50 14.23
N GLN A 196 -6.01 -23.82 13.45
CA GLN A 196 -4.67 -24.29 13.15
C GLN A 196 -3.64 -23.28 13.63
N ALA A 197 -2.56 -23.82 14.21
CA ALA A 197 -1.43 -23.05 14.67
C ALA A 197 -0.27 -23.26 13.71
N ALA A 198 0.58 -22.24 13.61
CA ALA A 198 1.79 -22.30 12.81
C ALA A 198 2.98 -22.68 13.67
N GLY A 199 4.07 -23.04 13.02
CA GLY A 199 5.30 -23.21 13.74
C GLY A 199 5.80 -21.85 14.23
N THR A 200 6.79 -21.89 15.12
CA THR A 200 7.37 -20.66 15.64
C THR A 200 7.88 -19.79 14.49
N ASP A 201 7.47 -18.53 14.48
CA ASP A 201 7.95 -17.65 13.45
C ASP A 201 9.28 -17.07 13.87
N THR A 202 10.06 -16.69 12.87
CA THR A 202 11.35 -16.06 13.06
C THR A 202 11.34 -14.78 12.24
N THR A 203 12.33 -13.93 12.50
CA THR A 203 12.44 -12.68 11.77
C THR A 203 13.39 -12.86 10.59
N ILE A 204 13.05 -12.19 9.47
CA ILE A 204 13.80 -12.35 8.21
C ILE A 204 15.00 -11.40 8.27
N THR A 205 16.16 -11.94 8.65
CA THR A 205 17.33 -11.12 8.98
C THR A 205 17.81 -10.33 7.78
N VAL A 206 17.92 -10.97 6.61
CA VAL A 206 18.43 -10.26 5.45
C VAL A 206 17.55 -9.05 5.14
N ASN A 207 16.25 -9.15 5.42
CA ASN A 207 15.36 -8.03 5.17
C ASN A 207 15.53 -6.93 6.20
N VAL A 208 15.72 -7.28 7.48
CA VAL A 208 16.00 -6.26 8.49
C VAL A 208 17.25 -5.49 8.09
N LEU A 209 18.27 -6.21 7.63
CA LEU A 209 19.50 -5.52 7.23
C LEU A 209 19.24 -4.58 6.06
N ALA A 210 18.46 -5.04 5.08
CA ALA A 210 18.15 -4.18 3.94
C ALA A 210 17.42 -2.92 4.40
N TRP A 211 16.52 -3.07 5.36
CA TRP A 211 15.77 -1.94 5.88
C TRP A 211 16.67 -0.98 6.64
N LEU A 212 17.63 -1.53 7.40
CA LEU A 212 18.59 -0.65 8.08
C LEU A 212 19.39 0.15 7.07
N TYR A 213 19.83 -0.49 5.98
CA TYR A 213 20.51 0.26 4.92
C TYR A 213 19.59 1.33 4.34
N ALA A 214 18.32 1.01 4.15
CA ALA A 214 17.37 2.02 3.71
C ALA A 214 17.32 3.20 4.67
N ALA A 215 17.38 2.93 5.98
CA ALA A 215 17.29 4.01 6.94
C ALA A 215 18.52 4.91 6.86
N VAL A 216 19.68 4.33 6.56
CA VAL A 216 20.89 5.12 6.37
C VAL A 216 20.77 6.01 5.15
N ILE A 217 20.44 5.42 4.00
CA ILE A 217 20.23 6.15 2.76
C ILE A 217 19.41 7.41 3.01
N ASN A 218 18.34 7.28 3.80
CA ASN A 218 17.46 8.40 4.12
C ASN A 218 17.91 9.17 5.36
N GLY A 219 19.18 9.07 5.74
CA GLY A 219 19.75 9.96 6.74
C GLY A 219 19.48 9.60 8.19
N ASP A 220 19.05 8.38 8.47
CA ASP A 220 18.83 7.91 9.83
C ASP A 220 19.95 6.92 10.15
N ARG A 221 20.79 7.25 11.14
CA ARG A 221 21.90 6.35 11.44
C ARG A 221 22.31 6.33 12.91
N TRP A 222 21.41 6.66 13.84
CA TRP A 222 21.75 6.60 15.25
C TRP A 222 22.15 5.19 15.69
N PHE A 223 21.73 4.15 14.96
CA PHE A 223 21.95 2.76 15.35
C PHE A 223 23.31 2.22 14.90
N LEU A 224 24.01 2.89 13.98
CA LEU A 224 25.30 2.41 13.51
C LEU A 224 26.32 2.41 14.66
N ASN A 225 27.38 1.62 14.48
CA ASN A 225 28.46 1.59 15.48
C ASN A 225 29.77 1.27 14.78
N ARG A 226 30.86 1.53 15.51
CA ARG A 226 32.20 1.32 14.98
C ARG A 226 32.62 -0.15 14.99
N PHE A 227 31.87 -1.01 15.66
CA PHE A 227 32.25 -2.41 15.84
C PHE A 227 31.92 -3.24 14.60
N THR A 228 32.53 -4.42 14.53
CA THR A 228 32.28 -5.37 13.47
C THR A 228 32.09 -6.75 14.09
N THR A 229 31.72 -7.72 13.25
CA THR A 229 31.43 -9.06 13.73
C THR A 229 31.69 -10.04 12.60
N THR A 230 31.99 -11.27 12.97
CA THR A 230 32.07 -12.31 11.98
C THR A 230 30.66 -12.78 11.63
N LEU A 231 30.54 -13.39 10.46
CA LEU A 231 29.26 -13.95 10.03
C LEU A 231 28.74 -14.95 11.04
N ASN A 232 29.61 -15.89 11.47
CA ASN A 232 29.13 -16.93 12.37
C ASN A 232 28.74 -16.37 13.73
N ASP A 233 29.54 -15.43 14.26
CA ASP A 233 29.21 -14.86 15.56
C ASP A 233 27.91 -14.07 15.50
N PHE A 234 27.68 -13.37 14.39
CA PHE A 234 26.39 -12.73 14.22
C PHE A 234 25.27 -13.77 14.20
N ASN A 235 25.46 -14.85 13.43
CA ASN A 235 24.40 -15.85 13.31
C ASN A 235 24.11 -16.51 14.66
N LEU A 236 25.12 -16.68 15.51
CA LEU A 236 24.84 -17.24 16.83
C LEU A 236 23.86 -16.35 17.58
N VAL A 237 24.10 -15.04 17.55
CA VAL A 237 23.23 -14.11 18.27
C VAL A 237 21.86 -14.05 17.59
N ALA A 238 21.84 -14.02 16.27
CA ALA A 238 20.56 -13.99 15.55
C ALA A 238 19.67 -15.17 15.96
N MET A 239 20.21 -16.38 15.94
CA MET A 239 19.37 -17.53 16.23
C MET A 239 18.88 -17.48 17.65
N LYS A 240 19.69 -16.95 18.57
CA LYS A 240 19.26 -16.85 19.96
C LYS A 240 17.99 -16.01 20.07
N TYR A 241 17.86 -15.00 19.21
CA TYR A 241 16.74 -14.06 19.23
C TYR A 241 15.68 -14.43 18.21
N ASN A 242 15.71 -15.66 17.70
CA ASN A 242 14.74 -16.15 16.73
C ASN A 242 14.76 -15.32 15.46
N TYR A 243 15.96 -14.89 15.06
CA TYR A 243 16.20 -14.34 13.75
C TYR A 243 16.76 -15.44 12.84
N GLU A 244 16.36 -15.42 11.56
CA GLU A 244 16.90 -16.39 10.62
C GLU A 244 18.40 -16.21 10.45
N PRO A 245 19.13 -17.28 10.20
CA PRO A 245 20.56 -17.11 9.93
C PRO A 245 20.79 -16.39 8.61
N LEU A 246 21.90 -15.70 8.54
CA LEU A 246 22.33 -14.98 7.35
C LEU A 246 23.31 -15.85 6.57
N THR A 247 23.03 -16.06 5.29
CA THR A 247 23.90 -16.85 4.43
C THR A 247 24.85 -15.93 3.66
N GLN A 248 25.87 -16.55 3.06
CA GLN A 248 26.79 -15.77 2.23
C GLN A 248 26.06 -15.20 0.99
N ASP A 249 25.08 -15.93 0.47
CA ASP A 249 24.27 -15.36 -0.60
C ASP A 249 23.51 -14.13 -0.13
N HIS A 250 23.02 -14.16 1.11
CA HIS A 250 22.41 -12.95 1.66
C HIS A 250 23.41 -11.81 1.71
N VAL A 251 24.63 -12.09 2.16
CA VAL A 251 25.65 -11.04 2.21
C VAL A 251 25.87 -10.48 0.83
N ASP A 252 26.00 -11.36 -0.16
CA ASP A 252 26.22 -10.93 -1.54
C ASP A 252 25.05 -10.09 -2.03
N ILE A 253 23.83 -10.57 -1.83
CA ILE A 253 22.64 -9.85 -2.24
C ILE A 253 22.63 -8.45 -1.67
N LEU A 254 23.21 -8.27 -0.49
CA LEU A 254 23.24 -6.96 0.14
C LEU A 254 24.37 -6.08 -0.39
N GLY A 255 25.24 -6.62 -1.25
CA GLY A 255 26.39 -5.88 -1.75
C GLY A 255 26.04 -4.50 -2.25
N PRO A 256 25.11 -4.42 -3.21
CA PRO A 256 24.73 -3.11 -3.75
C PRO A 256 24.43 -2.07 -2.69
N LEU A 257 23.62 -2.42 -1.69
CA LEU A 257 23.34 -1.49 -0.61
C LEU A 257 24.60 -1.18 0.19
N SER A 258 25.51 -2.14 0.31
CA SER A 258 26.75 -1.89 1.04
C SER A 258 27.63 -0.93 0.27
N ALA A 259 27.81 -1.18 -1.02
CA ALA A 259 28.54 -0.25 -1.88
C ALA A 259 27.96 1.16 -1.79
N GLN A 260 26.64 1.27 -1.99
CA GLN A 260 26.02 2.58 -2.06
C GLN A 260 26.31 3.39 -0.80
N THR A 261 26.13 2.79 0.37
CA THR A 261 26.34 3.49 1.63
C THR A 261 27.76 3.37 2.15
N GLY A 262 28.59 2.50 1.55
CA GLY A 262 29.92 2.27 2.06
C GLY A 262 29.96 1.68 3.45
N ILE A 263 28.98 0.84 3.80
CA ILE A 263 28.93 0.18 5.08
C ILE A 263 29.00 -1.31 4.82
N ALA A 264 30.08 -1.94 5.28
CA ALA A 264 30.23 -3.37 5.06
C ALA A 264 29.06 -4.09 5.69
N VAL A 265 28.61 -5.15 5.01
CA VAL A 265 27.50 -5.96 5.51
C VAL A 265 27.74 -6.36 6.96
N LEU A 266 28.91 -6.90 7.25
CA LEU A 266 29.21 -7.35 8.60
C LEU A 266 29.29 -6.20 9.59
N ASP A 267 29.58 -4.97 9.14
CA ASP A 267 29.42 -3.81 10.01
C ASP A 267 27.96 -3.59 10.36
N MET A 268 27.07 -3.66 9.36
CA MET A 268 25.65 -3.53 9.65
C MET A 268 25.18 -4.67 10.53
N CYS A 269 25.74 -5.86 10.35
CA CYS A 269 25.38 -6.97 11.24
C CYS A 269 25.73 -6.63 12.67
N ALA A 270 26.86 -5.95 12.88
CA ALA A 270 27.24 -5.58 14.23
C ALA A 270 26.27 -4.56 14.82
N SER A 271 25.74 -3.65 13.99
CA SER A 271 24.71 -2.73 14.46
C SER A 271 23.45 -3.48 14.84
N LEU A 272 23.02 -4.43 14.00
CA LEU A 272 21.82 -5.19 14.31
C LEU A 272 22.01 -6.00 15.59
N LYS A 273 23.17 -6.62 15.77
CA LYS A 273 23.44 -7.32 17.02
C LYS A 273 23.24 -6.39 18.22
N GLU A 274 23.76 -5.17 18.13
CA GLU A 274 23.62 -4.23 19.26
C GLU A 274 22.16 -3.91 19.50
N LEU A 275 21.38 -3.76 18.42
CA LEU A 275 19.95 -3.51 18.55
C LEU A 275 19.23 -4.69 19.20
N LEU A 276 19.58 -5.93 18.80
CA LEU A 276 18.93 -7.08 19.39
C LEU A 276 19.21 -7.16 20.89
N GLN A 277 20.44 -6.88 21.28
CA GLN A 277 20.83 -7.06 22.68
C GLN A 277 20.37 -5.89 23.55
N ASN A 278 20.42 -4.67 23.02
CA ASN A 278 20.13 -3.48 23.81
C ASN A 278 18.76 -2.87 23.52
N GLY A 279 18.19 -3.14 22.37
CA GLY A 279 16.90 -2.56 22.05
C GLY A 279 17.04 -1.22 21.39
N MET A 280 15.89 -0.57 21.21
CA MET A 280 15.85 0.72 20.54
C MET A 280 15.87 1.89 21.50
N ASN A 281 15.62 1.66 22.79
CA ASN A 281 15.77 2.71 23.80
C ASN A 281 14.80 3.86 23.55
N GLY A 282 13.58 3.52 23.13
CA GLY A 282 12.59 4.51 22.80
C GLY A 282 12.76 5.15 21.44
N ARG A 283 13.93 5.04 20.84
CA ARG A 283 14.15 5.63 19.52
C ARG A 283 13.30 4.90 18.48
N THR A 284 13.32 5.44 17.27
CA THR A 284 12.61 4.85 16.16
C THR A 284 13.52 4.88 14.93
N ILE A 285 13.23 3.99 13.99
CA ILE A 285 13.95 3.92 12.72
C ILE A 285 12.91 3.98 11.62
N LEU A 286 13.09 4.92 10.69
CA LEU A 286 12.12 5.19 9.63
C LEU A 286 10.69 5.25 10.17
N GLY A 287 10.53 5.81 11.38
CA GLY A 287 9.24 5.94 12.00
C GLY A 287 8.85 4.79 12.91
N SER A 288 9.45 3.61 12.73
CA SER A 288 9.01 2.41 13.41
C SER A 288 9.72 2.23 14.75
N ALA A 289 8.99 1.76 15.74
CA ALA A 289 9.57 1.35 17.01
C ALA A 289 9.96 -0.12 17.02
N LEU A 290 9.87 -0.79 15.88
CA LEU A 290 10.20 -2.20 15.76
C LEU A 290 11.04 -2.39 14.50
N LEU A 291 11.86 -3.43 14.51
CA LEU A 291 12.69 -3.72 13.35
C LEU A 291 11.81 -4.36 12.28
N GLU A 292 11.80 -3.76 11.10
CA GLU A 292 10.93 -4.19 10.00
C GLU A 292 11.65 -5.23 9.15
N ASP A 293 10.93 -6.33 8.82
CA ASP A 293 11.59 -7.44 8.11
C ASP A 293 10.83 -7.86 6.85
N GLU A 294 9.95 -7.02 6.31
CA GLU A 294 9.22 -7.34 5.09
C GLU A 294 9.62 -6.44 3.91
N PHE A 295 10.86 -5.93 3.91
CA PHE A 295 11.50 -5.32 2.74
C PHE A 295 12.69 -6.17 2.33
N THR A 296 12.68 -6.67 1.11
CA THR A 296 13.84 -7.38 0.61
C THR A 296 14.93 -6.40 0.18
N PRO A 297 16.16 -6.87 -0.01
CA PRO A 297 17.18 -6.00 -0.60
C PRO A 297 16.76 -5.45 -1.95
N PHE A 298 16.14 -6.29 -2.78
CA PHE A 298 15.63 -5.83 -4.07
C PHE A 298 14.61 -4.72 -3.88
N ASP A 299 13.67 -4.91 -2.95
CA ASP A 299 12.68 -3.88 -2.66
C ASP A 299 13.36 -2.56 -2.33
N VAL A 300 14.41 -2.61 -1.51
CA VAL A 300 15.09 -1.38 -1.09
C VAL A 300 15.88 -0.79 -2.25
N VAL A 301 16.56 -1.63 -3.03
CA VAL A 301 17.38 -1.11 -4.13
C VAL A 301 16.51 -0.41 -5.14
N ARG A 302 15.48 -1.10 -5.65
CA ARG A 302 14.63 -0.54 -6.70
C ARG A 302 14.11 0.83 -6.31
N GLN A 303 13.78 1.02 -5.04
CA GLN A 303 13.15 2.24 -4.57
C GLN A 303 14.15 3.31 -4.16
N CYS A 304 15.45 3.01 -4.16
CA CYS A 304 16.46 3.99 -3.81
C CYS A 304 17.46 4.14 -4.97
N SER B 5 0.31 -5.32 15.00
CA SER B 5 -1.14 -4.95 14.93
C SER B 5 -1.79 -5.70 13.77
N GLY B 6 -3.12 -5.76 13.79
CA GLY B 6 -3.86 -6.34 12.70
C GLY B 6 -4.08 -5.42 11.52
N PHE B 7 -3.40 -4.27 11.48
CA PHE B 7 -3.62 -3.27 10.46
C PHE B 7 -2.38 -3.10 9.61
N ARG B 8 -2.57 -2.78 8.33
CA ARG B 8 -1.48 -2.33 7.49
C ARG B 8 -1.97 -1.20 6.59
N LYS B 9 -1.03 -0.42 6.11
CA LYS B 9 -1.36 0.60 5.13
C LYS B 9 -1.77 -0.13 3.85
N MET B 10 -3.00 0.12 3.40
CA MET B 10 -3.57 -0.47 2.20
C MET B 10 -3.90 0.62 1.19
N ALA B 11 -3.41 0.46 -0.03
CA ALA B 11 -3.74 1.38 -1.11
C ALA B 11 -4.98 0.91 -1.83
N PHE B 12 -5.59 1.82 -2.59
CA PHE B 12 -6.63 1.42 -3.50
C PHE B 12 -6.02 0.69 -4.71
N PRO B 13 -6.75 -0.26 -5.29
CA PRO B 13 -6.29 -0.86 -6.54
C PRO B 13 -6.04 0.26 -7.54
N SER B 14 -4.92 0.20 -8.23
CA SER B 14 -4.45 1.33 -9.01
C SER B 14 -4.85 1.28 -10.47
N GLY B 15 -5.52 0.23 -10.91
CA GLY B 15 -5.72 0.02 -12.34
C GLY B 15 -6.45 1.17 -13.02
N LYS B 16 -7.47 1.73 -12.38
CA LYS B 16 -8.21 2.79 -13.05
C LYS B 16 -7.34 4.01 -13.26
N VAL B 17 -6.32 4.18 -12.42
CA VAL B 17 -5.40 5.31 -12.58
C VAL B 17 -4.28 4.99 -13.55
N GLU B 18 -3.76 3.75 -13.51
CA GLU B 18 -2.77 3.31 -14.48
C GLU B 18 -3.24 3.59 -15.90
N GLY B 19 -4.53 3.34 -16.17
CA GLY B 19 -5.11 3.58 -17.48
C GLY B 19 -5.18 5.04 -17.89
N CYS B 20 -4.77 5.96 -17.02
CA CYS B 20 -4.80 7.39 -17.28
C CYS B 20 -3.42 8.01 -17.32
N MET B 21 -2.38 7.25 -17.03
CA MET B 21 -1.05 7.84 -16.95
C MET B 21 -0.41 7.93 -18.33
N VAL B 22 0.19 9.08 -18.59
CA VAL B 22 0.95 9.34 -19.81
C VAL B 22 2.24 10.07 -19.44
N GLN B 23 3.08 10.31 -20.43
CA GLN B 23 4.26 11.13 -20.24
C GLN B 23 4.18 12.38 -21.10
N VAL B 24 4.75 13.47 -20.56
CA VAL B 24 4.75 14.77 -21.21
C VAL B 24 6.18 15.26 -21.23
N THR B 25 6.67 15.61 -22.42
CA THR B 25 8.04 16.03 -22.62
C THR B 25 8.09 17.39 -23.30
N CYS B 26 8.91 18.28 -22.75
CA CYS B 26 9.33 19.51 -23.40
C CYS B 26 10.84 19.45 -23.50
N GLY B 27 11.36 19.48 -24.72
CA GLY B 27 12.80 19.33 -24.88
C GLY B 27 13.28 17.99 -24.36
N THR B 28 14.07 18.01 -23.29
CA THR B 28 14.54 16.79 -22.65
C THR B 28 13.91 16.56 -21.29
N THR B 29 13.01 17.46 -20.86
CA THR B 29 12.34 17.36 -19.57
C THR B 29 11.09 16.52 -19.74
N THR B 30 11.02 15.39 -19.04
CA THR B 30 9.88 14.47 -19.14
C THR B 30 9.31 14.31 -17.76
N LEU B 31 8.01 14.53 -17.63
CA LEU B 31 7.37 14.10 -16.39
C LEU B 31 6.08 13.38 -16.78
N ASN B 32 5.26 13.06 -15.81
CA ASN B 32 4.03 12.32 -16.03
C ASN B 32 2.86 13.26 -16.14
N GLY B 33 1.84 12.79 -16.85
CA GLY B 33 0.58 13.51 -16.95
C GLY B 33 -0.58 12.56 -16.76
N LEU B 34 -1.74 13.16 -16.51
CA LEU B 34 -2.99 12.45 -16.25
C LEU B 34 -3.94 12.74 -17.39
N TRP B 35 -4.37 11.69 -18.10
CA TRP B 35 -5.14 11.79 -19.33
C TRP B 35 -6.57 11.37 -19.01
N LEU B 36 -7.49 12.33 -18.99
CA LEU B 36 -8.89 12.10 -18.68
C LEU B 36 -9.73 12.75 -19.76
N ASP B 37 -10.60 11.97 -20.39
CA ASP B 37 -11.33 12.47 -21.56
C ASP B 37 -10.28 12.97 -22.56
N ASP B 38 -10.41 14.19 -23.10
CA ASP B 38 -9.47 14.68 -24.09
C ASP B 38 -8.54 15.76 -23.52
N VAL B 39 -8.22 15.67 -22.23
CA VAL B 39 -7.30 16.60 -21.59
C VAL B 39 -6.23 15.82 -20.84
N VAL B 40 -5.00 16.30 -20.94
CA VAL B 40 -3.88 15.81 -20.15
C VAL B 40 -3.48 16.90 -19.15
N TYR B 41 -3.39 16.52 -17.88
CA TYR B 41 -3.03 17.42 -16.79
C TYR B 41 -1.62 17.09 -16.31
N CYS B 42 -0.78 18.11 -16.13
CA CYS B 42 0.58 17.82 -15.67
C CYS B 42 1.13 19.07 -14.98
N PRO B 43 2.22 18.91 -14.23
CA PRO B 43 2.85 20.08 -13.60
C PRO B 43 3.37 21.05 -14.64
N ARG B 44 3.16 22.34 -14.40
CA ARG B 44 3.59 23.32 -15.39
C ARG B 44 5.09 23.41 -15.50
N HIS B 45 5.84 22.94 -14.50
CA HIS B 45 7.28 23.12 -14.63
C HIS B 45 7.91 22.19 -15.66
N VAL B 46 7.11 21.38 -16.38
CA VAL B 46 7.64 20.66 -17.53
C VAL B 46 8.19 21.65 -18.55
N ILE B 47 7.68 22.88 -18.57
CA ILE B 47 8.14 23.86 -19.56
C ILE B 47 9.42 24.56 -19.15
N CYS B 48 9.98 24.19 -18.00
CA CYS B 48 11.20 24.82 -17.52
C CYS B 48 12.45 24.11 -18.01
N THR B 49 13.45 24.92 -18.31
CA THR B 49 14.82 24.46 -18.42
C THR B 49 15.45 24.39 -17.02
N SER B 50 16.65 23.83 -16.94
CA SER B 50 17.40 23.90 -15.68
C SER B 50 17.55 25.33 -15.20
N GLU B 51 17.72 26.27 -16.14
CA GLU B 51 17.98 27.66 -15.78
C GLU B 51 16.72 28.41 -15.41
N ASP B 52 15.56 27.96 -15.89
CA ASP B 52 14.31 28.56 -15.46
C ASP B 52 13.89 28.10 -14.07
N MET B 53 14.40 26.95 -13.60
CA MET B 53 13.98 26.38 -12.33
C MET B 53 14.14 27.37 -11.18
N LEU B 54 15.26 28.11 -11.15
CA LEU B 54 15.56 28.95 -9.99
C LEU B 54 14.40 29.89 -9.68
N ASN B 55 13.99 30.68 -10.66
CA ASN B 55 12.81 31.53 -10.52
C ASN B 55 12.14 31.62 -11.88
N PRO B 56 11.28 30.66 -12.22
CA PRO B 56 10.73 30.64 -13.57
C PRO B 56 9.70 31.72 -13.73
N ASN B 57 9.67 32.29 -14.93
CA ASN B 57 8.59 33.18 -15.35
C ASN B 57 7.65 32.32 -16.18
N TYR B 58 6.74 31.64 -15.49
CA TYR B 58 5.89 30.65 -16.16
C TYR B 58 5.05 31.29 -17.26
N GLU B 59 4.48 32.47 -16.99
CA GLU B 59 3.67 33.13 -18.00
C GLU B 59 4.50 33.40 -19.26
N ASP B 60 5.73 33.88 -19.09
CA ASP B 60 6.55 34.16 -20.26
C ASP B 60 7.03 32.88 -20.92
N LEU B 61 7.38 31.87 -20.13
CA LEU B 61 7.81 30.61 -20.71
C LEU B 61 6.68 30.00 -21.55
N LEU B 62 5.44 30.17 -21.11
CA LEU B 62 4.31 29.56 -21.80
C LEU B 62 3.96 30.28 -23.09
N ILE B 63 4.12 31.62 -23.11
CA ILE B 63 3.74 32.38 -24.29
C ILE B 63 4.61 32.00 -25.47
N ARG B 64 5.82 31.54 -25.21
CA ARG B 64 6.73 31.11 -26.26
C ARG B 64 6.44 29.68 -26.73
N LYS B 65 5.52 28.99 -26.07
CA LYS B 65 5.19 27.62 -26.40
C LYS B 65 4.02 27.55 -27.38
N SER B 66 4.08 26.56 -28.26
CA SER B 66 3.00 26.16 -29.15
C SER B 66 2.57 24.74 -28.84
N ASN B 67 1.38 24.39 -29.31
CA ASN B 67 0.94 23.00 -29.17
C ASN B 67 2.01 22.02 -29.67
N HIS B 68 2.64 22.34 -30.79
CA HIS B 68 3.58 21.40 -31.40
C HIS B 68 4.89 21.28 -30.63
N ASN B 69 5.09 22.04 -29.54
CA ASN B 69 6.25 21.85 -28.69
C ASN B 69 6.06 20.79 -27.62
N PHE B 70 4.84 20.30 -27.39
CA PHE B 70 4.57 19.35 -26.33
C PHE B 70 4.52 17.94 -26.91
N LEU B 71 5.34 17.04 -26.37
CA LEU B 71 5.32 15.64 -26.75
C LEU B 71 4.59 14.87 -25.66
N VAL B 72 3.39 14.41 -25.96
CA VAL B 72 2.59 13.62 -25.04
C VAL B 72 2.52 12.19 -25.59
N GLN B 73 2.83 11.21 -24.75
CA GLN B 73 2.87 9.83 -25.20
C GLN B 73 2.17 8.94 -24.18
N ALA B 74 1.36 8.02 -24.68
CA ALA B 74 0.87 6.90 -23.88
C ALA B 74 1.69 5.70 -24.31
N GLY B 75 2.56 5.24 -23.43
CA GLY B 75 3.60 4.31 -23.89
C GLY B 75 4.47 5.01 -24.90
N ASN B 76 4.70 4.37 -26.04
CA ASN B 76 5.43 4.99 -27.13
C ASN B 76 4.51 5.58 -28.20
N VAL B 77 3.22 5.71 -27.91
CA VAL B 77 2.26 6.21 -28.90
C VAL B 77 2.01 7.68 -28.63
N GLN B 78 2.33 8.52 -29.60
CA GLN B 78 2.13 9.95 -29.45
C GLN B 78 0.66 10.33 -29.49
N LEU B 79 0.29 11.23 -28.59
CA LEU B 79 -1.02 11.87 -28.52
C LEU B 79 -0.89 13.32 -28.95
N ARG B 80 -1.58 13.68 -30.03
CA ARG B 80 -1.43 15.03 -30.57
C ARG B 80 -2.08 16.08 -29.68
N VAL B 81 -1.34 17.14 -29.38
CA VAL B 81 -1.84 18.24 -28.57
C VAL B 81 -2.48 19.28 -29.47
N ILE B 82 -3.71 19.69 -29.14
CA ILE B 82 -4.47 20.64 -29.95
C ILE B 82 -4.86 21.91 -29.17
N GLY B 83 -4.41 22.06 -27.94
CA GLY B 83 -4.65 23.29 -27.20
C GLY B 83 -3.89 23.20 -25.91
N HIS B 84 -3.56 24.34 -25.33
CA HIS B 84 -2.86 24.32 -24.04
C HIS B 84 -3.26 25.53 -23.23
N SER B 85 -3.32 25.36 -21.91
CA SER B 85 -3.58 26.47 -21.01
C SER B 85 -2.97 26.15 -19.67
N MET B 86 -2.76 27.20 -18.88
CA MET B 86 -2.22 27.07 -17.54
C MET B 86 -3.29 27.41 -16.53
N GLN B 87 -3.46 26.54 -15.53
CA GLN B 87 -4.37 26.75 -14.42
C GLN B 87 -3.53 26.59 -13.15
N ASN B 88 -3.21 27.72 -12.51
CA ASN B 88 -2.38 27.73 -11.32
C ASN B 88 -1.06 27.03 -11.66
N CYS B 89 -0.65 26.00 -10.95
CA CYS B 89 0.60 25.32 -11.23
C CYS B 89 0.45 24.07 -12.10
N VAL B 90 -0.70 23.87 -12.74
CA VAL B 90 -0.93 22.74 -13.64
C VAL B 90 -1.07 23.26 -15.06
N LEU B 91 -0.54 22.47 -15.99
CA LEU B 91 -0.78 22.64 -17.40
C LEU B 91 -1.90 21.71 -17.85
N LYS B 92 -2.80 22.22 -18.67
CA LYS B 92 -3.86 21.45 -19.30
C LYS B 92 -3.62 21.42 -20.80
N LEU B 93 -3.42 20.22 -21.32
CA LEU B 93 -3.13 20.02 -22.74
C LEU B 93 -4.33 19.32 -23.33
N LYS B 94 -5.03 20.00 -24.24
CA LYS B 94 -6.11 19.37 -24.98
C LYS B 94 -5.48 18.50 -26.05
N VAL B 95 -5.96 17.27 -26.15
CA VAL B 95 -5.44 16.30 -27.10
C VAL B 95 -6.58 15.85 -28.00
N ASP B 96 -6.22 15.19 -29.10
CA ASP B 96 -7.21 14.91 -30.13
C ASP B 96 -7.89 13.57 -29.94
N THR B 97 -7.62 12.88 -28.84
CA THR B 97 -8.18 11.56 -28.56
C THR B 97 -8.71 11.55 -27.13
N ALA B 98 -9.95 11.10 -26.97
CA ALA B 98 -10.51 10.91 -25.64
C ALA B 98 -10.00 9.58 -25.10
N ASN B 99 -9.51 9.59 -23.87
CA ASN B 99 -8.96 8.37 -23.30
C ASN B 99 -10.06 7.34 -23.13
N PRO B 100 -9.99 6.20 -23.84
CA PRO B 100 -11.04 5.19 -23.71
C PRO B 100 -11.09 4.54 -22.34
N LYS B 101 -10.01 4.64 -21.56
CA LYS B 101 -9.96 4.09 -20.21
C LYS B 101 -10.32 5.12 -19.14
N THR B 102 -10.84 6.29 -19.51
CA THR B 102 -11.25 7.30 -18.55
C THR B 102 -12.25 6.68 -17.57
N PRO B 103 -11.96 6.67 -16.27
CA PRO B 103 -12.95 6.19 -15.30
C PRO B 103 -13.96 7.29 -15.00
N LYS B 104 -15.00 6.93 -14.25
CA LYS B 104 -15.76 7.98 -13.59
C LYS B 104 -14.81 8.67 -12.61
N TYR B 105 -14.80 10.01 -12.63
CA TYR B 105 -13.83 10.70 -11.78
C TYR B 105 -14.33 12.06 -11.30
N LYS B 106 -13.66 12.56 -10.27
CA LYS B 106 -13.81 13.94 -9.87
C LYS B 106 -12.48 14.41 -9.29
N PHE B 107 -12.37 15.73 -9.19
CA PHE B 107 -11.20 16.40 -8.63
C PHE B 107 -11.60 16.90 -7.25
N VAL B 108 -10.85 16.53 -6.23
CA VAL B 108 -11.19 16.93 -4.86
C VAL B 108 -9.95 17.51 -4.20
N ARG B 109 -10.19 18.40 -3.25
CA ARG B 109 -9.12 18.98 -2.45
C ARG B 109 -9.28 18.42 -1.05
N ILE B 110 -8.30 17.65 -0.61
CA ILE B 110 -8.42 16.96 0.68
C ILE B 110 -7.93 17.86 1.80
N GLN B 111 -8.31 17.50 3.02
CA GLN B 111 -7.87 18.16 4.24
C GLN B 111 -6.65 17.45 4.81
N PRO B 112 -5.78 18.17 5.52
CA PRO B 112 -4.73 17.50 6.27
C PRO B 112 -5.34 16.43 7.16
N GLY B 113 -4.62 15.32 7.31
CA GLY B 113 -5.10 14.16 7.98
C GLY B 113 -5.69 13.11 7.07
N GLN B 114 -6.29 13.53 5.95
CA GLN B 114 -6.90 12.56 5.05
C GLN B 114 -5.80 11.76 4.35
N THR B 115 -6.15 10.52 4.02
CA THR B 115 -5.23 9.62 3.36
C THR B 115 -5.63 9.45 1.90
N PHE B 116 -4.66 8.99 1.11
CA PHE B 116 -4.88 8.75 -0.30
C PHE B 116 -3.79 7.82 -0.79
N SER B 117 -4.04 7.19 -1.92
CA SER B 117 -3.08 6.31 -2.54
C SER B 117 -2.31 7.10 -3.57
N VAL B 118 -1.01 6.85 -3.64
CA VAL B 118 -0.12 7.44 -4.64
C VAL B 118 0.32 6.37 -5.61
N LEU B 119 0.16 6.64 -6.91
CA LEU B 119 0.69 5.74 -7.93
C LEU B 119 1.98 6.38 -8.43
N ALA B 120 3.12 5.92 -7.93
CA ALA B 120 4.40 6.48 -8.33
C ALA B 120 4.71 6.06 -9.75
N CYS B 121 4.99 7.03 -10.63
CA CYS B 121 5.21 6.77 -12.05
C CYS B 121 6.48 7.43 -12.53
N TYR B 122 7.06 6.83 -13.56
CA TYR B 122 8.24 7.38 -14.24
C TYR B 122 8.07 7.16 -15.73
N ASN B 123 8.25 8.24 -16.51
CA ASN B 123 8.09 8.17 -17.97
C ASN B 123 6.73 7.59 -18.34
N GLY B 124 5.72 7.95 -17.56
CA GLY B 124 4.38 7.51 -17.83
C GLY B 124 4.11 6.08 -17.44
N SER B 125 5.08 5.39 -16.83
CA SER B 125 4.94 3.99 -16.46
C SER B 125 4.82 3.87 -14.94
N PRO B 126 3.77 3.22 -14.46
CA PRO B 126 3.65 3.05 -13.01
C PRO B 126 4.70 2.08 -12.45
N SER B 127 5.27 2.47 -11.31
CA SER B 127 6.25 1.66 -10.59
C SER B 127 5.70 1.04 -9.31
N GLY B 128 4.87 1.76 -8.56
CA GLY B 128 4.36 1.22 -7.31
C GLY B 128 3.23 2.08 -6.78
N VAL B 129 2.51 1.52 -5.82
CA VAL B 129 1.39 2.21 -5.22
C VAL B 129 1.48 2.09 -3.72
N TYR B 130 1.19 3.18 -3.02
CA TYR B 130 1.29 3.19 -1.57
C TYR B 130 0.38 4.27 -0.99
N GLN B 131 0.08 4.11 0.28
CA GLN B 131 -0.83 5.00 0.97
C GLN B 131 -0.03 6.12 1.64
N CYS B 132 -0.55 7.34 1.53
CA CYS B 132 0.01 8.52 2.15
C CYS B 132 -1.05 9.21 2.98
N ALA B 133 -0.61 9.93 4.01
CA ALA B 133 -1.49 10.86 4.69
C ALA B 133 -1.01 12.28 4.47
N MET B 134 -1.93 13.20 4.23
CA MET B 134 -1.59 14.61 4.16
C MET B 134 -1.28 15.10 5.59
N ARG B 135 -0.05 15.54 5.83
CA ARG B 135 0.32 16.00 7.17
C ARG B 135 -0.34 17.34 7.46
N PRO B 136 -0.45 17.71 8.75
CA PRO B 136 -1.02 19.02 9.09
C PRO B 136 -0.23 20.18 8.53
N ASN B 137 1.05 20.00 8.25
CA ASN B 137 1.88 21.03 7.62
C ASN B 137 1.89 20.90 6.11
N PHE B 138 0.96 20.12 5.54
CA PHE B 138 0.71 20.07 4.09
C PHE B 138 1.87 19.49 3.31
N THR B 139 2.60 18.58 3.92
CA THR B 139 3.56 17.72 3.23
C THR B 139 3.06 16.29 3.30
N ILE B 140 3.61 15.44 2.44
CA ILE B 140 3.40 14.00 2.55
C ILE B 140 4.76 13.35 2.62
N LYS B 141 4.79 12.17 3.25
CA LYS B 141 5.99 11.34 3.35
C LYS B 141 5.92 10.29 2.25
N GLY B 142 6.31 10.69 1.05
CA GLY B 142 6.28 9.82 -0.10
C GLY B 142 7.62 9.14 -0.34
N SER B 143 7.70 8.46 -1.47
CA SER B 143 8.92 7.86 -1.98
C SER B 143 8.93 8.24 -3.46
N PHE B 144 9.64 9.31 -3.77
CA PHE B 144 9.65 9.89 -5.10
C PHE B 144 11.10 10.08 -5.53
N LEU B 145 11.42 9.70 -6.75
CA LEU B 145 12.71 9.94 -7.36
C LEU B 145 12.55 10.99 -8.46
N ASN B 146 13.69 11.42 -9.02
CA ASN B 146 13.62 12.28 -10.19
C ASN B 146 12.72 11.64 -11.24
N GLY B 147 11.91 12.47 -11.91
CA GLY B 147 11.01 11.99 -12.94
C GLY B 147 9.65 11.58 -12.44
N SER B 148 9.42 11.67 -11.13
CA SER B 148 8.16 11.26 -10.52
C SER B 148 7.08 12.33 -10.61
N CYS B 149 7.43 13.58 -10.90
CA CYS B 149 6.42 14.63 -10.90
C CYS B 149 5.29 14.32 -11.86
N GLY B 150 4.09 14.72 -11.48
CA GLY B 150 2.90 14.37 -12.24
C GLY B 150 2.26 13.07 -11.79
N SER B 151 2.97 12.25 -11.02
CA SER B 151 2.31 11.17 -10.29
C SER B 151 1.19 11.77 -9.43
N VAL B 152 0.08 11.01 -9.28
CA VAL B 152 -1.12 11.53 -8.65
C VAL B 152 -1.48 10.69 -7.44
N GLY B 153 -2.21 11.33 -6.52
CA GLY B 153 -2.81 10.67 -5.38
C GLY B 153 -4.31 10.68 -5.58
N PHE B 154 -4.98 9.65 -5.04
CA PHE B 154 -6.38 9.43 -5.34
C PHE B 154 -7.00 8.55 -4.25
N ASN B 155 -8.32 8.64 -4.17
CA ASN B 155 -9.18 7.69 -3.49
C ASN B 155 -10.19 7.15 -4.49
N ILE B 156 -10.71 5.97 -4.21
CA ILE B 156 -11.73 5.36 -5.06
C ILE B 156 -12.92 5.03 -4.18
N ASP B 157 -14.09 5.54 -4.57
CA ASP B 157 -15.35 5.25 -3.88
C ASP B 157 -16.32 4.67 -4.90
N TYR B 158 -16.77 3.44 -4.66
CA TYR B 158 -17.61 2.70 -5.60
C TYR B 158 -16.81 2.64 -6.90
N ASP B 159 -17.28 3.24 -7.99
CA ASP B 159 -16.56 3.16 -9.24
C ASP B 159 -15.84 4.46 -9.57
N CYS B 160 -15.78 5.40 -8.64
CA CYS B 160 -15.41 6.78 -8.95
C CYS B 160 -14.05 7.12 -8.34
N VAL B 161 -13.13 7.58 -9.17
CA VAL B 161 -11.81 7.97 -8.74
C VAL B 161 -11.83 9.46 -8.39
N SER B 162 -11.50 9.77 -7.13
CA SER B 162 -11.36 11.15 -6.69
C SER B 162 -9.87 11.48 -6.67
N PHE B 163 -9.42 12.26 -7.66
CA PHE B 163 -8.05 12.69 -7.71
C PHE B 163 -7.83 13.85 -6.77
N CYS B 164 -6.84 13.75 -5.87
CA CYS B 164 -6.63 14.79 -4.88
C CYS B 164 -5.23 15.37 -4.84
N TYR B 165 -4.23 14.75 -5.48
CA TYR B 165 -2.85 15.18 -5.37
C TYR B 165 -2.14 14.98 -6.71
N MET B 166 -1.29 15.94 -7.05
CA MET B 166 -0.33 15.77 -8.14
C MET B 166 1.05 16.22 -7.65
N HIS B 167 2.08 15.42 -7.93
CA HIS B 167 3.36 15.60 -7.27
C HIS B 167 4.22 16.65 -7.98
N HIS B 168 4.83 17.55 -7.20
CA HIS B 168 5.68 18.58 -7.81
C HIS B 168 7.09 18.68 -7.23
N MET B 169 7.30 18.40 -5.94
CA MET B 169 8.62 18.72 -5.40
C MET B 169 8.95 18.04 -4.08
N GLU B 170 10.24 18.08 -3.77
CA GLU B 170 10.80 17.57 -2.51
C GLU B 170 11.39 18.72 -1.72
N LEU B 171 11.20 18.67 -0.43
CA LEU B 171 11.71 19.67 0.49
C LEU B 171 13.01 19.21 1.14
N PRO B 172 13.80 20.15 1.68
CA PRO B 172 15.11 19.75 2.24
C PRO B 172 15.01 18.67 3.30
N THR B 173 13.92 18.60 4.07
CA THR B 173 13.75 17.56 5.06
C THR B 173 13.39 16.20 4.46
N GLY B 174 13.24 16.12 3.14
CA GLY B 174 12.94 14.85 2.49
C GLY B 174 11.47 14.54 2.33
N VAL B 175 10.58 15.42 2.79
CA VAL B 175 9.14 15.24 2.58
C VAL B 175 8.77 15.90 1.26
N HIS B 176 7.52 15.75 0.87
CA HIS B 176 7.09 16.03 -0.49
C HIS B 176 5.91 16.96 -0.49
N ALA B 177 5.76 17.71 -1.59
CA ALA B 177 4.77 18.76 -1.72
C ALA B 177 4.23 18.78 -3.13
N GLY B 178 3.00 19.23 -3.26
CA GLY B 178 2.33 19.19 -4.55
C GLY B 178 1.00 19.90 -4.48
N THR B 179 0.19 19.70 -5.51
CA THR B 179 -1.02 20.47 -5.73
C THR B 179 -2.23 19.55 -5.79
N ASP B 180 -3.41 20.16 -5.78
CA ASP B 180 -4.59 19.42 -6.20
C ASP B 180 -4.61 19.41 -7.74
N LEU B 181 -5.64 18.82 -8.33
CA LEU B 181 -5.69 18.73 -9.79
C LEU B 181 -6.16 20.01 -10.44
N GLU B 182 -6.50 21.04 -9.66
CA GLU B 182 -6.67 22.40 -10.18
C GLU B 182 -5.40 23.23 -10.05
N GLY B 183 -4.28 22.61 -9.64
CA GLY B 183 -2.99 23.24 -9.63
C GLY B 183 -2.70 24.09 -8.41
N ASN B 184 -3.56 24.06 -7.41
CA ASN B 184 -3.35 24.83 -6.20
C ASN B 184 -2.53 24.02 -5.21
N PHE B 185 -1.37 24.55 -4.82
CA PHE B 185 -0.54 23.84 -3.87
C PHE B 185 -1.29 23.60 -2.56
N TYR B 186 -1.03 22.44 -1.95
CA TYR B 186 -1.28 22.25 -0.54
C TYR B 186 -0.17 22.94 0.22
N GLY B 187 -0.54 23.81 1.16
CA GLY B 187 0.43 24.52 1.95
C GLY B 187 1.00 25.74 1.26
N PRO B 188 2.03 26.33 1.86
CA PRO B 188 2.52 27.63 1.39
C PRO B 188 3.60 27.55 0.32
N PHE B 189 3.72 26.40 -0.35
CA PHE B 189 4.85 26.16 -1.25
C PHE B 189 4.55 26.70 -2.64
N VAL B 190 5.63 26.87 -3.42
CA VAL B 190 5.58 27.36 -4.79
C VAL B 190 6.48 26.46 -5.63
N ASP B 191 6.19 26.36 -6.94
CA ASP B 191 6.99 25.47 -7.78
C ASP B 191 8.20 26.22 -8.34
N ARG B 192 9.20 26.38 -7.49
CA ARG B 192 10.48 26.99 -7.83
C ARG B 192 11.57 26.19 -7.15
N GLN B 193 12.71 26.09 -7.80
CA GLN B 193 13.81 25.27 -7.29
C GLN B 193 14.58 26.04 -6.21
N THR B 194 13.87 26.39 -5.14
CA THR B 194 14.42 27.11 -4.01
C THR B 194 14.25 26.28 -2.75
N ALA B 195 15.00 26.65 -1.70
CA ALA B 195 14.85 26.03 -0.40
C ALA B 195 13.59 26.57 0.26
N GLN B 196 12.66 25.68 0.60
CA GLN B 196 11.43 26.05 1.27
C GLN B 196 11.24 25.14 2.47
N ALA B 197 10.81 25.72 3.59
CA ALA B 197 10.64 24.96 4.82
C ALA B 197 9.17 24.69 5.07
N ALA B 198 8.86 23.45 5.45
CA ALA B 198 7.54 23.19 5.99
C ALA B 198 7.48 23.66 7.44
N GLY B 199 6.31 24.10 7.86
CA GLY B 199 6.08 24.37 9.27
C GLY B 199 6.29 23.13 10.11
N THR B 200 6.41 23.35 11.42
CA THR B 200 6.53 22.22 12.34
C THR B 200 5.33 21.29 12.17
N ASP B 201 5.61 20.00 12.04
CA ASP B 201 4.50 19.07 11.91
C ASP B 201 3.89 18.76 13.26
N THR B 202 2.66 18.27 13.22
CA THR B 202 1.90 17.93 14.41
C THR B 202 1.23 16.60 14.19
N THR B 203 0.77 16.01 15.29
CA THR B 203 0.11 14.71 15.24
C THR B 203 -1.35 14.87 14.84
N ILE B 204 -1.81 13.96 13.98
CA ILE B 204 -3.17 14.03 13.45
C ILE B 204 -4.15 13.40 14.44
N THR B 205 -4.71 14.25 15.30
CA THR B 205 -5.52 13.81 16.42
C THR B 205 -6.70 12.97 15.97
N VAL B 206 -7.43 13.41 14.94
CA VAL B 206 -8.61 12.66 14.52
C VAL B 206 -8.25 11.22 14.16
N ASN B 207 -7.07 11.02 13.58
CA ASN B 207 -6.66 9.68 13.21
C ASN B 207 -6.21 8.89 14.42
N VAL B 208 -5.57 9.54 15.40
CA VAL B 208 -5.27 8.82 16.63
C VAL B 208 -6.55 8.35 17.29
N LEU B 209 -7.57 9.20 17.33
CA LEU B 209 -8.85 8.77 17.89
C LEU B 209 -9.41 7.58 17.10
N ALA B 210 -9.30 7.63 15.78
CA ALA B 210 -9.75 6.50 14.96
C ALA B 210 -9.04 5.22 15.38
N TRP B 211 -7.72 5.32 15.57
CA TRP B 211 -6.91 4.22 16.04
C TRP B 211 -7.39 3.70 17.39
N LEU B 212 -7.72 4.60 18.31
CA LEU B 212 -8.21 4.13 19.61
C LEU B 212 -9.55 3.42 19.48
N TYR B 213 -10.43 3.91 18.61
CA TYR B 213 -11.68 3.19 18.32
C TYR B 213 -11.40 1.82 17.72
N ALA B 214 -10.44 1.74 16.79
CA ALA B 214 -10.03 0.47 16.24
C ALA B 214 -9.58 -0.49 17.34
N ALA B 215 -8.78 0.00 18.30
CA ALA B 215 -8.37 -0.83 19.43
C ALA B 215 -9.58 -1.35 20.20
N VAL B 216 -10.54 -0.48 20.46
CA VAL B 216 -11.72 -0.89 21.19
C VAL B 216 -12.47 -1.97 20.42
N ILE B 217 -12.65 -1.77 19.12
CA ILE B 217 -13.37 -2.75 18.30
C ILE B 217 -12.75 -4.13 18.43
N ASN B 218 -11.42 -4.20 18.56
CA ASN B 218 -10.68 -5.45 18.68
C ASN B 218 -10.46 -5.89 20.13
N GLY B 219 -11.14 -5.27 21.08
CA GLY B 219 -11.17 -5.75 22.44
C GLY B 219 -10.08 -5.19 23.35
N ASP B 220 -9.30 -4.24 22.85
CA ASP B 220 -8.18 -3.65 23.58
C ASP B 220 -8.66 -2.30 24.11
N ARG B 221 -9.12 -2.25 25.36
CA ARG B 221 -9.83 -1.06 25.81
C ARG B 221 -9.45 -0.61 27.22
N TRP B 222 -8.22 -0.93 27.67
CA TRP B 222 -7.83 -0.58 29.03
C TRP B 222 -7.82 0.93 29.26
N PHE B 223 -7.60 1.71 28.20
CA PHE B 223 -7.41 3.16 28.30
C PHE B 223 -8.71 3.94 28.41
N LEU B 224 -9.87 3.30 28.27
CA LEU B 224 -11.13 4.01 28.44
C LEU B 224 -11.30 4.42 29.90
N ASN B 225 -11.64 5.68 30.14
CA ASN B 225 -11.83 6.17 31.51
C ASN B 225 -13.28 6.60 31.71
N ARG B 226 -13.62 6.98 32.93
CA ARG B 226 -14.99 7.29 33.30
C ARG B 226 -15.37 8.74 33.01
N PHE B 227 -14.53 9.47 32.28
CA PHE B 227 -14.64 10.92 32.21
C PHE B 227 -14.93 11.40 30.79
N THR B 228 -15.18 12.70 30.69
CA THR B 228 -15.40 13.34 29.41
C THR B 228 -14.75 14.71 29.44
N THR B 229 -14.89 15.44 28.36
CA THR B 229 -14.26 16.75 28.25
C THR B 229 -15.07 17.56 27.26
N THR B 230 -14.88 18.87 27.30
CA THR B 230 -15.40 19.70 26.23
C THR B 230 -14.42 19.67 25.07
N LEU B 231 -14.92 20.00 23.88
CA LEU B 231 -14.04 20.01 22.72
C LEU B 231 -12.98 21.09 22.85
N ASN B 232 -13.37 22.25 23.36
CA ASN B 232 -12.40 23.33 23.53
C ASN B 232 -11.34 22.96 24.57
N ASP B 233 -11.74 22.43 25.71
CA ASP B 233 -10.73 22.01 26.69
C ASP B 233 -9.78 21.00 26.10
N PHE B 234 -10.30 20.01 25.36
CA PHE B 234 -9.41 19.02 24.76
C PHE B 234 -8.44 19.67 23.78
N ASN B 235 -8.94 20.59 22.95
CA ASN B 235 -8.09 21.17 21.91
C ASN B 235 -6.94 21.96 22.52
N LEU B 236 -7.21 22.68 23.61
CA LEU B 236 -6.17 23.48 24.26
C LEU B 236 -5.11 22.58 24.90
N VAL B 237 -5.51 21.48 25.51
CA VAL B 237 -4.53 20.52 26.01
C VAL B 237 -3.77 19.90 24.85
N ALA B 238 -4.51 19.42 23.83
CA ALA B 238 -3.88 18.73 22.71
C ALA B 238 -2.74 19.54 22.12
N MET B 239 -2.98 20.84 21.90
CA MET B 239 -1.95 21.68 21.30
C MET B 239 -0.66 21.73 22.13
N LYS B 240 -0.74 21.59 23.45
CA LYS B 240 0.47 21.56 24.27
C LYS B 240 1.29 20.29 24.07
N TYR B 241 0.71 19.26 23.44
CA TYR B 241 1.41 18.04 23.12
C TYR B 241 1.71 17.92 21.62
N ASN B 242 1.59 19.02 20.88
CA ASN B 242 1.86 19.06 19.44
C ASN B 242 0.90 18.16 18.70
N TYR B 243 -0.31 18.04 19.24
CA TYR B 243 -1.45 17.44 18.55
C TYR B 243 -2.30 18.51 17.89
N GLU B 244 -2.85 18.17 16.73
CA GLU B 244 -3.76 19.07 16.04
C GLU B 244 -5.05 19.26 16.82
N PRO B 245 -5.63 20.46 16.82
CA PRO B 245 -6.96 20.61 17.39
C PRO B 245 -7.98 19.95 16.48
N LEU B 246 -9.06 19.48 17.10
CA LEU B 246 -10.14 18.86 16.34
C LEU B 246 -11.08 19.92 15.77
N THR B 247 -11.57 19.65 14.57
CA THR B 247 -12.61 20.45 13.95
C THR B 247 -13.97 19.75 14.13
N GLN B 248 -15.04 20.48 13.80
CA GLN B 248 -16.37 19.87 13.78
C GLN B 248 -16.44 18.75 12.75
N ASP B 249 -15.75 18.90 11.63
CA ASP B 249 -15.72 17.84 10.63
C ASP B 249 -15.05 16.58 11.17
N HIS B 250 -14.01 16.75 11.99
CA HIS B 250 -13.37 15.60 12.63
C HIS B 250 -14.35 14.89 13.56
N VAL B 251 -15.10 15.67 14.33
CA VAL B 251 -16.06 15.07 15.24
C VAL B 251 -17.08 14.29 14.43
N ASP B 252 -17.52 14.86 13.32
CA ASP B 252 -18.53 14.21 12.48
C ASP B 252 -18.01 12.93 11.84
N ILE B 253 -16.77 12.93 11.33
CA ILE B 253 -16.30 11.74 10.65
C ILE B 253 -15.94 10.62 11.62
N LEU B 254 -15.85 10.93 12.92
CA LEU B 254 -15.73 9.88 13.94
C LEU B 254 -17.07 9.28 14.31
N GLY B 255 -18.16 9.80 13.76
CA GLY B 255 -19.50 9.40 14.14
C GLY B 255 -19.74 7.91 13.98
N PRO B 256 -19.45 7.35 12.80
CA PRO B 256 -19.70 5.91 12.62
C PRO B 256 -18.96 5.04 13.63
N LEU B 257 -17.71 5.37 13.95
CA LEU B 257 -16.94 4.58 14.92
C LEU B 257 -17.48 4.77 16.33
N SER B 258 -17.90 5.99 16.67
CA SER B 258 -18.54 6.23 17.96
C SER B 258 -19.82 5.42 18.07
N ALA B 259 -20.59 5.37 16.99
CA ALA B 259 -21.83 4.60 17.00
C ALA B 259 -21.55 3.10 17.07
N GLN B 260 -20.51 2.64 16.38
CA GLN B 260 -20.16 1.22 16.39
C GLN B 260 -19.73 0.75 17.76
N THR B 261 -19.08 1.61 18.53
CA THR B 261 -18.55 1.26 19.85
C THR B 261 -19.40 1.78 21.01
N GLY B 262 -20.31 2.73 20.75
CA GLY B 262 -21.07 3.34 21.81
C GLY B 262 -20.25 4.26 22.71
N ILE B 263 -19.08 4.67 22.24
CA ILE B 263 -18.20 5.55 22.99
C ILE B 263 -18.28 6.93 22.34
N ALA B 264 -18.85 7.89 23.06
CA ALA B 264 -18.97 9.25 22.55
C ALA B 264 -17.60 9.80 22.19
N VAL B 265 -17.57 10.60 21.12
CA VAL B 265 -16.31 11.17 20.66
C VAL B 265 -15.61 11.89 21.81
N LEU B 266 -16.35 12.68 22.58
CA LEU B 266 -15.72 13.48 23.63
C LEU B 266 -15.26 12.63 24.80
N ASP B 267 -15.88 11.48 25.03
CA ASP B 267 -15.33 10.54 25.99
C ASP B 267 -14.01 9.96 25.52
N MET B 268 -13.93 9.58 24.23
CA MET B 268 -12.64 9.12 23.72
C MET B 268 -11.61 10.23 23.82
N CYS B 269 -12.01 11.47 23.56
CA CYS B 269 -11.08 12.58 23.71
C CYS B 269 -10.54 12.63 25.14
N ALA B 270 -11.41 12.40 26.13
CA ALA B 270 -10.94 12.43 27.51
C ALA B 270 -9.97 11.28 27.77
N SER B 271 -10.19 10.12 27.17
CA SER B 271 -9.24 9.02 27.28
C SER B 271 -7.90 9.36 26.64
N LEU B 272 -7.92 9.99 25.47
CA LEU B 272 -6.69 10.38 24.82
C LEU B 272 -5.95 11.42 25.67
N LYS B 273 -6.70 12.42 26.17
CA LYS B 273 -6.09 13.42 27.05
C LYS B 273 -5.35 12.77 28.21
N GLU B 274 -5.96 11.73 28.81
CA GLU B 274 -5.28 11.08 29.93
C GLU B 274 -4.02 10.35 29.46
N LEU B 275 -4.06 9.74 28.27
CA LEU B 275 -2.86 9.13 27.72
C LEU B 275 -1.77 10.16 27.48
N LEU B 276 -2.16 11.33 26.97
CA LEU B 276 -1.18 12.38 26.75
C LEU B 276 -0.60 12.87 28.08
N GLN B 277 -1.45 13.04 29.08
CA GLN B 277 -0.99 13.62 30.35
C GLN B 277 -0.27 12.61 31.22
N ASN B 278 -0.66 11.34 31.15
CA ASN B 278 -0.09 10.31 32.01
C ASN B 278 0.86 9.36 31.29
N GLY B 279 0.89 9.38 29.97
CA GLY B 279 1.70 8.43 29.23
C GLY B 279 1.10 7.04 29.24
N MET B 280 1.77 6.13 28.54
CA MET B 280 1.32 4.75 28.44
C MET B 280 1.72 3.92 29.65
N ASN B 281 2.76 4.33 30.38
CA ASN B 281 3.22 3.61 31.56
C ASN B 281 3.52 2.15 31.22
N GLY B 282 4.21 1.95 30.10
CA GLY B 282 4.66 0.64 29.71
C GLY B 282 3.60 -0.29 29.18
N ARG B 283 2.38 0.20 28.98
CA ARG B 283 1.34 -0.59 28.34
C ARG B 283 1.40 -0.39 26.83
N THR B 284 0.63 -1.20 26.12
CA THR B 284 0.55 -1.07 24.68
C THR B 284 -0.92 -1.03 24.23
N ILE B 285 -1.11 -0.51 23.03
CA ILE B 285 -2.42 -0.44 22.39
C ILE B 285 -2.26 -1.03 21.02
N LEU B 286 -3.04 -2.08 20.73
CA LEU B 286 -2.91 -2.79 19.47
C LEU B 286 -1.47 -3.25 19.24
N GLY B 287 -0.80 -3.61 20.34
CA GLY B 287 0.53 -4.17 20.27
C GLY B 287 1.66 -3.16 20.27
N SER B 288 1.36 -1.87 20.30
CA SER B 288 2.38 -0.84 20.17
C SER B 288 2.31 0.14 21.33
N ALA B 289 3.47 0.67 21.70
CA ALA B 289 3.55 1.78 22.63
C ALA B 289 3.43 3.13 21.92
N LEU B 290 3.45 3.14 20.60
CA LEU B 290 3.28 4.36 19.82
C LEU B 290 1.84 4.44 19.30
N LEU B 291 1.26 5.64 19.37
CA LEU B 291 -0.06 5.87 18.79
C LEU B 291 0.08 6.21 17.31
N GLU B 292 -0.71 5.55 16.48
CA GLU B 292 -0.68 5.73 15.04
C GLU B 292 -1.59 6.87 14.61
N ASP B 293 -1.13 7.72 13.66
CA ASP B 293 -1.96 8.83 13.22
C ASP B 293 -2.15 8.88 11.71
N GLU B 294 -1.89 7.80 10.98
CA GLU B 294 -2.09 7.81 9.53
C GLU B 294 -3.16 6.82 9.08
N PHE B 295 -4.04 6.38 9.98
CA PHE B 295 -5.26 5.66 9.62
C PHE B 295 -6.45 6.55 9.94
N THR B 296 -7.22 6.90 8.92
CA THR B 296 -8.40 7.72 9.11
C THR B 296 -9.55 6.86 9.63
N PRO B 297 -10.63 7.51 10.06
CA PRO B 297 -11.83 6.75 10.43
C PRO B 297 -12.34 5.88 9.30
N PHE B 298 -12.24 6.34 8.05
CA PHE B 298 -12.65 5.52 6.92
C PHE B 298 -11.73 4.31 6.76
N ASP B 299 -10.41 4.52 6.91
CA ASP B 299 -9.46 3.41 6.84
C ASP B 299 -9.76 2.34 7.88
N VAL B 300 -10.08 2.77 9.11
CA VAL B 300 -10.33 1.80 10.17
C VAL B 300 -11.53 0.93 9.82
N VAL B 301 -12.62 1.56 9.38
CA VAL B 301 -13.82 0.80 9.06
C VAL B 301 -13.55 -0.16 7.91
N ARG B 302 -12.73 0.28 6.95
CA ARG B 302 -12.39 -0.59 5.82
C ARG B 302 -11.77 -1.90 6.29
N GLN B 303 -10.83 -1.82 7.22
CA GLN B 303 -10.07 -3.01 7.62
C GLN B 303 -10.69 -3.79 8.77
N CYS B 304 -11.63 -3.21 9.51
CA CYS B 304 -12.28 -3.95 10.58
C CYS B 304 -13.54 -4.64 10.10
N SER B 305 -14.31 -3.97 9.25
CA SER B 305 -15.63 -4.41 8.88
C SER B 305 -15.82 -4.60 7.37
N GLY B 306 -14.97 -4.02 6.53
CA GLY B 306 -15.01 -4.28 5.11
C GLY B 306 -16.17 -3.63 4.39
#